data_7OK6
#
_entry.id   7OK6
#
_cell.length_a   55.083
_cell.length_b   67.004
_cell.length_c   106.691
_cell.angle_alpha   90.000
_cell.angle_beta   90.000
_cell.angle_gamma   90.000
#
_symmetry.space_group_name_H-M   'P 21 21 21'
#
loop_
_entity.id
_entity.type
_entity.pdbx_description
1 polymer 'Protein unc-119 homolog B'
2 polymer 'LCK peptide'
3 non-polymer 1,2-ETHANEDIOL
4 non-polymer 'CALCIUM ION'
5 non-polymer 'MYRISTIC ACID'
6 water water
#
loop_
_entity_poly.entity_id
_entity_poly.type
_entity_poly.pdbx_seq_one_letter_code
_entity_poly.pdbx_strand_id
1 'polypeptide(L)'
;DTIRPEHVLRLSRVTENYLCKPEDNIYSIDFTRFKIRDLETGTVLFEIAKPCVSDQEEDEEEGGGDVDISAGRFVRYQFT
PAFLRLRTVGATVEFTVGDKPVSNFRMIERHYFREHLLKNFDFDFGFCIPSSRNTCEHIYEFPQLSEDVIRLMIENPYET
RSDSFYFVDNKLIMHNKADYAYNGGQLEHHHHHH
;
HHH,AAA
2 'polypeptide(L)' GCGCSSHPED BBB,CCC
#
loop_
_chem_comp.id
_chem_comp.type
_chem_comp.name
_chem_comp.formula
CA non-polymer 'CALCIUM ION' 'Ca 2'
EDO non-polymer 1,2-ETHANEDIOL 'C2 H6 O2'
MYR non-polymer 'MYRISTIC ACID' 'C14 H28 O2'
#
# COMPACT_ATOMS: atom_id res chain seq x y z
N THR A 2 -18.93 -18.66 -19.35
CA THR A 2 -17.71 -17.95 -18.86
C THR A 2 -17.05 -18.77 -17.73
N ILE A 3 -15.73 -18.79 -17.77
CA ILE A 3 -14.77 -19.29 -16.74
C ILE A 3 -15.08 -18.62 -15.39
N ARG A 4 -15.05 -19.37 -14.29
CA ARG A 4 -15.16 -18.87 -12.89
C ARG A 4 -13.78 -18.80 -12.23
N PRO A 5 -13.63 -17.97 -11.17
CA PRO A 5 -12.36 -17.91 -10.45
C PRO A 5 -11.79 -19.28 -10.09
N GLU A 6 -12.60 -20.22 -9.62
CA GLU A 6 -12.09 -21.55 -9.16
C GLU A 6 -11.34 -22.25 -10.32
N HIS A 7 -11.76 -22.05 -11.57
CA HIS A 7 -11.16 -22.74 -12.74
C HIS A 7 -9.72 -22.29 -12.95
N VAL A 8 -9.43 -21.01 -12.74
CA VAL A 8 -8.08 -20.48 -13.03
C VAL A 8 -7.24 -20.60 -11.76
N LEU A 9 -7.86 -20.61 -10.57
CA LEU A 9 -7.13 -20.79 -9.30
C LEU A 9 -6.44 -22.16 -9.25
N ARG A 10 -6.89 -23.12 -10.06
CA ARG A 10 -6.33 -24.48 -10.06
C ARG A 10 -5.24 -24.59 -11.13
N LEU A 11 -4.97 -23.53 -11.91
CA LEU A 11 -4.00 -23.66 -13.04
C LEU A 11 -2.58 -23.70 -12.45
N SER A 12 -1.78 -24.67 -12.87
CA SER A 12 -0.37 -24.84 -12.42
C SER A 12 0.61 -24.07 -13.30
N ARG A 13 0.17 -23.58 -14.46
CA ARG A 13 1.05 -22.98 -15.49
C ARG A 13 0.38 -21.75 -16.09
N VAL A 14 1.17 -20.81 -16.56
CA VAL A 14 0.67 -19.68 -17.39
C VAL A 14 -0.02 -20.28 -18.63
N THR A 15 -1.13 -19.72 -19.06
CA THR A 15 -1.89 -20.20 -20.25
C THR A 15 -1.05 -20.00 -21.52
N GLU A 16 -1.25 -20.86 -22.50
CA GLU A 16 -0.63 -20.75 -23.85
C GLU A 16 -1.20 -19.51 -24.50
N ASN A 17 -2.50 -19.31 -24.36
CA ASN A 17 -3.26 -18.28 -25.09
C ASN A 17 -4.27 -17.63 -24.14
N TYR A 18 -4.99 -16.63 -24.64
CA TYR A 18 -6.04 -15.91 -23.90
C TYR A 18 -7.22 -16.84 -23.66
N LEU A 19 -7.80 -16.77 -22.47
CA LEU A 19 -8.99 -17.59 -22.09
C LEU A 19 -10.27 -16.86 -22.47
N CYS A 20 -10.19 -15.62 -22.92
CA CYS A 20 -11.41 -14.88 -23.36
C CYS A 20 -11.03 -13.89 -24.47
N LYS A 21 -12.05 -13.34 -25.13
CA LYS A 21 -11.89 -12.43 -26.28
C LYS A 21 -12.06 -11.02 -25.73
N PRO A 22 -11.55 -9.98 -26.42
CA PRO A 22 -11.81 -8.59 -26.06
C PRO A 22 -13.32 -8.31 -25.95
N GLU A 23 -14.15 -8.98 -26.77
CA GLU A 23 -15.62 -8.72 -26.80
C GLU A 23 -16.24 -9.25 -25.51
N ASP A 24 -15.51 -10.02 -24.70
CA ASP A 24 -16.04 -10.57 -23.42
C ASP A 24 -16.05 -9.46 -22.36
N ASN A 25 -15.41 -8.32 -22.63
CA ASN A 25 -15.37 -7.17 -21.68
C ASN A 25 -16.67 -6.38 -21.82
N ILE A 26 -17.77 -6.96 -21.35
CA ILE A 26 -19.15 -6.44 -21.59
C ILE A 26 -19.41 -5.24 -20.67
N TYR A 27 -18.49 -4.91 -19.75
CA TYR A 27 -18.57 -3.73 -18.87
C TYR A 27 -17.74 -2.57 -19.42
N SER A 28 -17.00 -2.80 -20.51
CA SER A 28 -16.08 -1.82 -21.13
C SER A 28 -15.13 -1.26 -20.06
N ILE A 29 -14.58 -2.13 -19.20
CA ILE A 29 -13.55 -1.73 -18.21
C ILE A 29 -12.29 -1.38 -18.99
N ASP A 30 -11.73 -0.20 -18.76
CA ASP A 30 -10.50 0.23 -19.46
C ASP A 30 -9.54 0.74 -18.38
N PHE A 31 -8.32 0.20 -18.34
CA PHE A 31 -7.28 0.63 -17.37
C PHE A 31 -6.64 1.89 -17.95
N THR A 32 -6.62 2.97 -17.17
CA THR A 32 -6.25 4.35 -17.60
C THR A 32 -4.95 4.79 -16.94
N ARG A 33 -4.64 4.28 -15.75
CA ARG A 33 -3.32 4.50 -15.09
C ARG A 33 -2.96 3.26 -14.29
N PHE A 34 -1.66 2.98 -14.24
CA PHE A 34 -1.06 1.93 -13.38
C PHE A 34 0.25 2.46 -12.82
N LYS A 35 0.41 2.35 -11.50
CA LYS A 35 1.67 2.79 -10.85
C LYS A 35 2.06 1.74 -9.82
N ILE A 36 3.33 1.38 -9.78
CA ILE A 36 3.80 0.54 -8.64
C ILE A 36 4.98 1.24 -8.00
N ARG A 37 5.04 1.09 -6.68
CA ARG A 37 6.09 1.74 -5.88
C ARG A 37 6.58 0.75 -4.82
N ASP A 38 7.84 0.87 -4.50
CA ASP A 38 8.45 0.12 -3.39
C ASP A 38 7.97 0.80 -2.11
N LEU A 39 7.34 0.05 -1.21
CA LEU A 39 6.79 0.62 0.03
C LEU A 39 7.88 0.70 1.10
N GLU A 40 9.05 0.08 0.84
CA GLU A 40 10.24 0.25 1.70
C GLU A 40 10.83 1.67 1.54
N THR A 41 10.91 2.19 0.32
CA THR A 41 11.63 3.45 -0.03
C THR A 41 10.72 4.53 -0.55
N GLY A 42 9.49 4.19 -0.98
CA GLY A 42 8.59 5.08 -1.71
C GLY A 42 8.95 5.24 -3.18
N THR A 43 10.01 4.62 -3.67
CA THR A 43 10.47 4.79 -5.08
C THR A 43 9.39 4.28 -6.02
N VAL A 44 8.97 5.13 -6.95
CA VAL A 44 8.08 4.70 -8.06
C VAL A 44 8.91 3.81 -8.98
N LEU A 45 8.47 2.57 -9.23
CA LEU A 45 9.21 1.58 -10.06
C LEU A 45 8.69 1.57 -11.50
N PHE A 46 7.42 1.91 -11.72
CA PHE A 46 6.78 1.88 -13.05
C PHE A 46 5.50 2.72 -12.94
N GLU A 47 5.30 3.61 -13.90
CA GLU A 47 4.06 4.41 -14.05
C GLU A 47 3.72 4.48 -15.52
N ILE A 48 2.45 4.28 -15.85
CA ILE A 48 1.94 4.40 -17.24
C ILE A 48 0.51 4.96 -17.15
N ALA A 49 0.14 5.81 -18.13
CA ALA A 49 -1.16 6.52 -18.24
C ALA A 49 -1.66 6.59 -19.70
N LYS A 50 -2.90 6.13 -19.98
CA LYS A 50 -3.59 6.18 -21.30
C LYS A 50 -4.72 5.14 -21.33
N ALA A 71 -4.15 -7.13 -29.80
CA ALA A 71 -4.39 -5.75 -29.31
C ALA A 71 -3.61 -5.53 -28.01
N GLY A 72 -4.17 -4.80 -27.03
CA GLY A 72 -3.43 -4.27 -25.86
C GLY A 72 -3.68 -5.12 -24.62
N ARG A 73 -3.35 -6.41 -24.70
N ARG A 73 -3.34 -6.41 -24.71
CA ARG A 73 -3.56 -7.41 -23.62
CA ARG A 73 -3.56 -7.41 -23.62
C ARG A 73 -2.23 -8.03 -23.21
C ARG A 73 -2.23 -8.05 -23.25
N PHE A 74 -1.11 -7.43 -23.59
CA PHE A 74 0.24 -7.98 -23.32
C PHE A 74 1.16 -6.83 -22.92
N VAL A 75 1.86 -6.98 -21.81
CA VAL A 75 2.89 -5.99 -21.42
C VAL A 75 4.18 -6.74 -21.08
N ARG A 76 5.29 -6.24 -21.61
CA ARG A 76 6.64 -6.77 -21.34
C ARG A 76 7.35 -5.82 -20.37
N TYR A 77 7.68 -6.31 -19.17
CA TYR A 77 8.40 -5.51 -18.16
C TYR A 77 9.89 -5.81 -18.25
N GLN A 78 10.67 -4.74 -18.23
CA GLN A 78 12.14 -4.73 -18.25
C GLN A 78 12.59 -4.08 -16.95
N PHE A 79 12.80 -4.88 -15.90
CA PHE A 79 13.31 -4.43 -14.59
C PHE A 79 14.79 -4.80 -14.42
N THR A 80 15.32 -4.47 -13.25
CA THR A 80 16.72 -4.68 -12.82
C THR A 80 16.77 -5.78 -11.77
N PRO A 81 17.96 -6.33 -11.46
CA PRO A 81 18.09 -7.35 -10.43
C PRO A 81 17.53 -6.90 -9.08
N ALA A 82 17.61 -5.62 -8.75
CA ALA A 82 17.20 -5.04 -7.44
C ALA A 82 15.70 -5.24 -7.23
N PHE A 83 14.91 -5.35 -8.30
CA PHE A 83 13.46 -5.63 -8.26
C PHE A 83 13.18 -6.92 -7.45
N LEU A 84 14.03 -7.94 -7.63
CA LEU A 84 13.79 -9.26 -6.99
C LEU A 84 14.26 -9.23 -5.53
N ARG A 85 14.83 -8.13 -5.06
CA ARG A 85 15.09 -7.95 -3.60
C ARG A 85 13.94 -7.17 -2.96
N LEU A 86 12.85 -6.82 -3.68
CA LEU A 86 11.73 -6.06 -3.06
C LEU A 86 10.93 -7.04 -2.18
N ARG A 87 10.18 -6.52 -1.22
CA ARG A 87 9.36 -7.35 -0.31
C ARG A 87 7.88 -6.98 -0.45
N THR A 88 7.60 -5.69 -0.53
N THR A 88 7.57 -5.69 -0.52
CA THR A 88 6.24 -5.11 -0.44
CA THR A 88 6.18 -5.17 -0.45
C THR A 88 6.15 -3.98 -1.48
C THR A 88 6.09 -3.97 -1.41
N VAL A 89 5.27 -4.12 -2.46
CA VAL A 89 5.14 -3.14 -3.56
C VAL A 89 3.68 -2.72 -3.56
N GLY A 90 3.43 -1.43 -3.70
CA GLY A 90 2.07 -0.87 -3.74
C GLY A 90 1.67 -0.63 -5.19
N ALA A 91 0.48 -1.04 -5.55
CA ALA A 91 -0.04 -0.84 -6.92
C ALA A 91 -1.25 0.08 -6.82
N THR A 92 -1.24 1.13 -7.62
N THR A 92 -1.26 1.14 -7.62
CA THR A 92 -2.44 1.97 -7.83
CA THR A 92 -2.45 2.00 -7.80
C THR A 92 -2.90 1.75 -9.27
C THR A 92 -2.91 1.78 -9.25
N VAL A 93 -4.18 1.40 -9.41
CA VAL A 93 -4.83 1.15 -10.71
C VAL A 93 -5.97 2.15 -10.83
N GLU A 94 -6.04 2.87 -11.94
CA GLU A 94 -7.23 3.67 -12.33
C GLU A 94 -7.88 3.02 -13.55
N PHE A 95 -9.20 2.90 -13.54
CA PHE A 95 -9.98 2.38 -14.69
C PHE A 95 -11.30 3.14 -14.81
N THR A 96 -11.80 3.20 -16.04
CA THR A 96 -13.17 3.67 -16.34
C THR A 96 -14.05 2.44 -16.55
N VAL A 97 -15.35 2.61 -16.35
CA VAL A 97 -16.43 1.59 -16.50
C VAL A 97 -17.45 2.16 -17.49
N GLY A 98 -17.97 1.33 -18.40
CA GLY A 98 -19.05 1.71 -19.34
C GLY A 98 -20.38 1.82 -18.62
N ASP A 99 -21.49 1.69 -19.35
CA ASP A 99 -22.82 2.19 -18.91
C ASP A 99 -23.53 1.15 -18.00
N LYS A 100 -22.93 -0.01 -17.75
CA LYS A 100 -23.52 -1.01 -16.83
C LYS A 100 -22.85 -0.91 -15.46
N PRO A 101 -23.60 -1.17 -14.36
CA PRO A 101 -23.00 -1.26 -13.03
C PRO A 101 -22.15 -2.54 -12.87
N VAL A 102 -21.08 -2.42 -12.09
CA VAL A 102 -20.09 -3.51 -11.85
C VAL A 102 -20.12 -3.83 -10.37
N SER A 103 -20.51 -5.05 -10.00
CA SER A 103 -20.38 -5.53 -8.59
C SER A 103 -19.44 -6.73 -8.57
N ASN A 104 -18.71 -6.85 -7.47
CA ASN A 104 -17.75 -7.96 -7.22
C ASN A 104 -16.75 -7.99 -8.41
N PHE A 105 -16.10 -6.86 -8.66
CA PHE A 105 -14.93 -6.79 -9.57
C PHE A 105 -13.71 -7.37 -8.84
N ARG A 106 -13.10 -8.41 -9.43
CA ARG A 106 -12.03 -9.21 -8.76
C ARG A 106 -10.92 -9.56 -9.75
N MET A 107 -9.66 -9.37 -9.36
CA MET A 107 -8.55 -9.76 -10.25
C MET A 107 -7.79 -10.89 -9.57
N ILE A 108 -7.63 -12.00 -10.28
CA ILE A 108 -6.72 -13.09 -9.85
C ILE A 108 -5.50 -12.98 -10.77
N GLU A 109 -4.35 -12.71 -10.18
CA GLU A 109 -3.11 -12.57 -10.97
C GLU A 109 -2.11 -13.62 -10.49
N ARG A 110 -1.64 -14.43 -11.42
CA ARG A 110 -0.80 -15.60 -11.10
C ARG A 110 0.54 -15.40 -11.77
N HIS A 111 1.59 -15.34 -10.96
CA HIS A 111 2.98 -15.14 -11.42
C HIS A 111 3.67 -16.49 -11.43
N TYR A 112 4.25 -16.87 -12.58
CA TYR A 112 4.90 -18.18 -12.78
C TYR A 112 6.36 -17.98 -13.15
N PHE A 113 7.21 -18.88 -12.69
CA PHE A 113 8.59 -18.97 -13.24
C PHE A 113 8.68 -20.35 -13.87
N ARG A 114 9.00 -20.39 -15.15
CA ARG A 114 9.08 -21.64 -15.93
C ARG A 114 7.67 -22.22 -15.88
N GLU A 115 7.48 -23.43 -15.34
CA GLU A 115 6.15 -24.07 -15.34
C GLU A 115 5.63 -24.22 -13.92
N HIS A 116 5.87 -23.25 -13.05
CA HIS A 116 5.28 -23.32 -11.69
C HIS A 116 5.01 -21.93 -11.09
N LEU A 117 4.03 -21.92 -10.19
CA LEU A 117 3.49 -20.72 -9.54
C LEU A 117 4.53 -20.17 -8.57
N LEU A 118 4.89 -18.89 -8.72
CA LEU A 118 5.68 -18.17 -7.68
C LEU A 118 4.69 -17.65 -6.64
N LYS A 119 3.64 -17.00 -7.10
CA LYS A 119 2.61 -16.49 -6.16
C LYS A 119 1.34 -16.12 -6.91
N ASN A 120 0.24 -16.38 -6.25
CA ASN A 120 -1.15 -16.04 -6.62
C ASN A 120 -1.55 -14.80 -5.81
N PHE A 121 -2.10 -13.78 -6.49
CA PHE A 121 -2.69 -12.56 -5.88
C PHE A 121 -4.18 -12.50 -6.20
N ASP A 122 -5.00 -12.30 -5.20
CA ASP A 122 -6.47 -12.31 -5.37
C ASP A 122 -7.02 -11.02 -4.77
N PHE A 123 -7.26 -10.02 -5.61
CA PHE A 123 -7.57 -8.64 -5.20
C PHE A 123 -9.03 -8.31 -5.48
N ASP A 124 -9.62 -7.57 -4.54
CA ASP A 124 -10.99 -7.01 -4.65
C ASP A 124 -10.91 -5.59 -5.22
N PHE A 125 -11.50 -5.38 -6.37
CA PHE A 125 -11.63 -4.05 -7.03
C PHE A 125 -13.00 -3.42 -6.68
N GLY A 126 -13.88 -4.13 -5.94
CA GLY A 126 -15.11 -3.57 -5.33
C GLY A 126 -16.27 -3.35 -6.31
N PHE A 127 -17.19 -2.45 -5.93
CA PHE A 127 -18.41 -2.03 -6.67
C PHE A 127 -18.07 -0.79 -7.50
N CYS A 128 -18.58 -0.68 -8.71
CA CYS A 128 -18.42 0.53 -9.57
C CYS A 128 -19.79 0.93 -10.14
N ILE A 129 -20.07 2.23 -10.18
CA ILE A 129 -21.29 2.82 -10.81
C ILE A 129 -20.97 3.03 -12.29
N PRO A 130 -21.97 3.02 -13.18
CA PRO A 130 -21.72 3.20 -14.60
C PRO A 130 -21.06 4.55 -14.93
N SER A 131 -20.27 4.56 -16.01
CA SER A 131 -19.59 5.72 -16.64
C SER A 131 -18.59 6.35 -15.68
N SER A 132 -18.29 5.65 -14.58
CA SER A 132 -17.44 6.13 -13.46
C SER A 132 -15.95 5.96 -13.81
N ARG A 133 -15.12 6.79 -13.19
CA ARG A 133 -13.65 6.67 -13.13
C ARG A 133 -13.29 6.25 -11.70
N ASN A 134 -12.55 5.15 -11.53
CA ASN A 134 -12.29 4.53 -10.21
C ASN A 134 -10.79 4.32 -10.03
N THR A 135 -10.33 4.42 -8.79
N THR A 135 -10.33 4.37 -8.78
CA THR A 135 -8.92 4.16 -8.38
CA THR A 135 -8.92 4.19 -8.36
C THR A 135 -8.97 3.10 -7.28
C THR A 135 -8.90 3.15 -7.23
N CYS A 136 -8.08 2.12 -7.35
CA CYS A 136 -7.91 1.05 -6.35
C CYS A 136 -6.45 1.00 -5.95
N GLU A 137 -6.18 0.68 -4.70
CA GLU A 137 -4.81 0.43 -4.19
C GLU A 137 -4.73 -1.01 -3.70
N HIS A 138 -3.67 -1.70 -4.11
CA HIS A 138 -3.43 -3.11 -3.75
C HIS A 138 -1.98 -3.27 -3.32
N ILE A 139 -1.74 -4.20 -2.42
CA ILE A 139 -0.35 -4.46 -1.99
C ILE A 139 0.07 -5.85 -2.42
N TYR A 140 1.16 -5.91 -3.15
CA TYR A 140 1.88 -7.17 -3.43
C TYR A 140 2.96 -7.37 -2.38
N GLU A 141 2.80 -8.42 -1.59
CA GLU A 141 3.86 -8.99 -0.73
C GLU A 141 4.55 -10.11 -1.50
N PHE A 142 5.85 -10.00 -1.71
CA PHE A 142 6.62 -10.91 -2.59
C PHE A 142 6.67 -12.27 -1.91
N PRO A 143 6.69 -13.37 -2.69
CA PRO A 143 7.01 -14.67 -2.13
C PRO A 143 8.48 -14.60 -1.65
N GLN A 144 8.83 -15.49 -0.74
CA GLN A 144 10.23 -15.69 -0.29
C GLN A 144 10.96 -16.45 -1.42
N LEU A 145 11.98 -15.84 -1.98
CA LEU A 145 12.76 -16.42 -3.12
C LEU A 145 14.15 -16.77 -2.61
N SER A 146 14.60 -18.01 -2.81
CA SER A 146 16.00 -18.41 -2.55
C SER A 146 16.93 -17.64 -3.48
N GLU A 147 18.19 -17.50 -3.09
CA GLU A 147 19.26 -16.92 -3.94
C GLU A 147 19.33 -17.62 -5.31
N ASP A 148 19.16 -18.95 -5.34
CA ASP A 148 19.29 -19.73 -6.60
C ASP A 148 18.14 -19.37 -7.53
N VAL A 149 16.93 -19.20 -6.98
CA VAL A 149 15.73 -18.82 -7.77
C VAL A 149 15.87 -17.37 -8.27
N ILE A 150 16.36 -16.45 -7.45
CA ILE A 150 16.60 -15.04 -7.91
C ILE A 150 17.60 -15.06 -9.08
N ARG A 151 18.71 -15.78 -8.96
CA ARG A 151 19.72 -15.82 -10.06
C ARG A 151 19.10 -16.44 -11.32
N LEU A 152 18.38 -17.54 -11.17
CA LEU A 152 17.68 -18.21 -12.31
C LEU A 152 16.76 -17.21 -13.02
N MET A 153 16.07 -16.35 -12.26
CA MET A 153 15.05 -15.39 -12.79
C MET A 153 15.78 -14.26 -13.53
N ILE A 154 16.90 -13.78 -12.99
CA ILE A 154 17.70 -12.70 -13.62
C ILE A 154 18.31 -13.25 -14.92
N GLU A 155 18.76 -14.50 -14.94
CA GLU A 155 19.52 -15.04 -16.10
C GLU A 155 18.61 -15.74 -17.09
N ASN A 156 17.32 -15.85 -16.79
CA ASN A 156 16.31 -16.42 -17.72
C ASN A 156 15.22 -15.41 -17.96
N PRO A 157 15.55 -14.28 -18.62
CA PRO A 157 14.54 -13.28 -18.93
C PRO A 157 13.36 -13.90 -19.68
N TYR A 158 12.16 -13.46 -19.33
CA TYR A 158 10.87 -13.78 -19.99
C TYR A 158 10.43 -15.20 -19.65
N GLU A 159 11.18 -15.91 -18.80
CA GLU A 159 10.71 -17.20 -18.22
C GLU A 159 9.77 -16.89 -17.04
N THR A 160 9.78 -15.68 -16.52
CA THR A 160 8.80 -15.21 -15.51
C THR A 160 7.64 -14.58 -16.26
N ARG A 161 6.43 -15.05 -15.99
CA ARG A 161 5.22 -14.67 -16.76
C ARG A 161 4.00 -14.63 -15.84
N SER A 162 3.07 -13.76 -16.15
CA SER A 162 1.83 -13.65 -15.37
C SER A 162 0.60 -13.66 -16.27
N ASP A 163 -0.48 -14.19 -15.71
CA ASP A 163 -1.86 -14.10 -16.18
C ASP A 163 -2.63 -13.28 -15.17
N SER A 164 -3.35 -12.26 -15.65
CA SER A 164 -4.28 -11.44 -14.86
C SER A 164 -5.68 -11.75 -15.37
N PHE A 165 -6.48 -12.35 -14.52
CA PHE A 165 -7.85 -12.80 -14.84
C PHE A 165 -8.80 -11.89 -14.10
N TYR A 166 -9.69 -11.21 -14.83
CA TYR A 166 -10.61 -10.18 -14.28
C TYR A 166 -12.04 -10.73 -14.37
N PHE A 167 -12.71 -10.76 -13.22
CA PHE A 167 -14.06 -11.32 -12.98
C PHE A 167 -14.99 -10.21 -12.47
N VAL A 168 -16.22 -10.18 -12.99
CA VAL A 168 -17.35 -9.39 -12.44
C VAL A 168 -18.44 -10.40 -12.12
N ASP A 169 -18.85 -10.45 -10.86
CA ASP A 169 -19.86 -11.44 -10.40
C ASP A 169 -19.46 -12.85 -10.83
N ASN A 170 -18.18 -13.20 -10.61
CA ASN A 170 -17.63 -14.56 -10.82
C ASN A 170 -17.61 -14.92 -12.30
N LYS A 171 -17.70 -13.97 -13.24
CA LYS A 171 -17.58 -14.27 -14.69
C LYS A 171 -16.34 -13.57 -15.27
N LEU A 172 -15.54 -14.30 -16.02
CA LEU A 172 -14.29 -13.81 -16.64
C LEU A 172 -14.68 -12.84 -17.75
N ILE A 173 -14.21 -11.59 -17.67
CA ILE A 173 -14.53 -10.51 -18.65
C ILE A 173 -13.25 -10.05 -19.33
N MET A 174 -12.08 -10.27 -18.69
CA MET A 174 -10.78 -9.86 -19.28
C MET A 174 -9.66 -10.78 -18.84
N HIS A 175 -8.68 -10.95 -19.73
CA HIS A 175 -7.43 -11.70 -19.50
C HIS A 175 -6.25 -10.93 -20.08
N ASN A 176 -5.41 -10.34 -19.22
CA ASN A 176 -4.15 -9.66 -19.62
C ASN A 176 -2.94 -10.50 -19.26
N LYS A 177 -1.91 -10.45 -20.11
CA LYS A 177 -0.70 -11.28 -19.95
C LYS A 177 0.50 -10.35 -19.79
N ALA A 178 1.50 -10.80 -19.07
CA ALA A 178 2.77 -10.07 -18.93
C ALA A 178 3.92 -11.05 -18.91
N ASP A 179 5.10 -10.60 -19.32
CA ASP A 179 6.33 -11.31 -18.98
C ASP A 179 7.36 -10.30 -18.51
N TYR A 180 8.44 -10.80 -17.95
CA TYR A 180 9.33 -10.03 -17.07
C TYR A 180 10.78 -10.40 -17.35
N ALA A 181 11.61 -9.39 -17.42
CA ALA A 181 13.08 -9.53 -17.38
C ALA A 181 13.61 -8.74 -16.19
N TYR A 182 14.64 -9.25 -15.53
CA TYR A 182 15.24 -8.63 -14.31
C TYR A 182 16.73 -8.42 -14.58
N ASN A 183 16.98 -8.19 -15.86
CA ASN A 183 18.20 -8.26 -16.69
C ASN A 183 18.79 -6.86 -16.90
N GLY A 184 18.05 -5.82 -16.55
CA GLY A 184 18.28 -4.45 -17.03
C GLY A 184 19.38 -3.75 -16.23
N GLY A 185 20.02 -2.77 -16.85
CA GLY A 185 21.13 -2.00 -16.25
C GLY A 185 20.62 -1.05 -15.17
N THR B 2 12.22 23.44 2.34
CA THR B 2 11.38 23.69 1.12
C THR B 2 9.90 23.34 1.41
N ILE B 3 9.57 22.10 1.81
CA ILE B 3 8.20 21.74 2.32
C ILE B 3 8.14 22.05 3.82
N ARG B 4 7.20 22.90 4.23
CA ARG B 4 7.05 23.41 5.61
C ARG B 4 5.75 22.84 6.18
N PRO B 5 5.59 22.84 7.53
CA PRO B 5 4.35 22.36 8.15
C PRO B 5 3.08 22.98 7.55
N GLU B 6 3.11 24.27 7.28
CA GLU B 6 1.91 24.98 6.81
C GLU B 6 1.46 24.34 5.50
N HIS B 7 2.37 23.86 4.65
CA HIS B 7 1.98 23.27 3.34
C HIS B 7 1.18 21.98 3.57
N VAL B 8 1.63 21.14 4.50
CA VAL B 8 0.94 19.87 4.69
C VAL B 8 -0.32 20.09 5.53
N LEU B 9 -0.40 21.17 6.31
CA LEU B 9 -1.57 21.39 7.20
C LEU B 9 -2.77 21.81 6.34
N ARG B 10 -2.47 22.33 5.15
CA ARG B 10 -3.46 22.91 4.21
C ARG B 10 -3.88 21.88 3.16
N LEU B 11 -3.47 20.60 3.28
CA LEU B 11 -3.84 19.53 2.33
C LEU B 11 -5.26 19.03 2.63
N SER B 12 -6.01 18.65 1.58
CA SER B 12 -7.44 18.25 1.63
C SER B 12 -7.60 16.74 1.49
N ARG B 13 -6.53 16.04 1.11
CA ARG B 13 -6.55 14.57 0.86
C ARG B 13 -5.16 13.96 1.11
N VAL B 14 -5.07 12.64 1.24
CA VAL B 14 -3.76 11.95 1.22
C VAL B 14 -3.06 12.35 -0.09
N THR B 15 -1.74 12.45 -0.04
CA THR B 15 -0.89 12.76 -1.22
C THR B 15 -0.82 11.52 -2.14
N GLU B 16 -0.83 11.78 -3.42
CA GLU B 16 -0.63 10.77 -4.49
C GLU B 16 0.76 10.16 -4.31
N ASN B 17 1.76 10.96 -3.97
CA ASN B 17 3.16 10.49 -3.88
C ASN B 17 3.73 10.87 -2.52
N TYR B 18 4.84 10.21 -2.19
CA TYR B 18 5.73 10.54 -1.06
C TYR B 18 6.32 11.90 -1.37
N LEU B 19 6.35 12.79 -0.37
CA LEU B 19 6.76 14.19 -0.54
C LEU B 19 8.28 14.31 -0.31
N CYS B 20 8.96 13.27 0.11
CA CYS B 20 10.44 13.31 0.27
C CYS B 20 11.03 11.93 0.00
N LYS B 21 12.34 11.86 -0.11
CA LYS B 21 13.08 10.59 -0.37
C LYS B 21 13.72 10.12 0.91
N PRO B 22 14.11 8.84 1.00
CA PRO B 22 14.82 8.34 2.18
C PRO B 22 16.06 9.17 2.55
N GLU B 23 16.72 9.75 1.55
N GLU B 23 16.75 9.78 1.59
CA GLU B 23 17.96 10.58 1.68
CA GLU B 23 18.01 10.55 1.83
C GLU B 23 17.65 11.82 2.54
C GLU B 23 17.68 11.88 2.51
N ASP B 24 16.43 12.33 2.47
CA ASP B 24 16.01 13.58 3.19
C ASP B 24 16.01 13.35 4.71
N ASN B 25 16.08 12.10 5.17
CA ASN B 25 16.21 11.73 6.59
C ASN B 25 17.68 11.85 7.00
N ILE B 26 18.20 13.08 7.02
CA ILE B 26 19.64 13.40 7.31
C ILE B 26 19.95 13.19 8.80
N TYR B 27 18.92 12.97 9.64
CA TYR B 27 19.05 12.77 11.11
C TYR B 27 19.09 11.28 11.43
N SER B 28 18.91 10.42 10.42
CA SER B 28 18.87 8.94 10.53
C SER B 28 17.87 8.50 11.59
N ILE B 29 16.68 9.12 11.58
CA ILE B 29 15.62 8.72 12.52
C ILE B 29 15.08 7.35 12.10
N ASP B 30 14.94 6.44 13.03
CA ASP B 30 14.48 5.07 12.71
C ASP B 30 13.54 4.61 13.81
N PHE B 31 12.28 4.25 13.48
CA PHE B 31 11.30 3.77 14.49
C PHE B 31 11.59 2.29 14.80
N THR B 32 11.82 1.98 16.06
CA THR B 32 12.30 0.65 16.52
C THR B 32 11.19 -0.04 17.31
N ARG B 33 10.23 0.71 17.83
CA ARG B 33 9.13 0.08 18.58
C ARG B 33 7.93 1.01 18.53
N PHE B 34 6.74 0.44 18.34
CA PHE B 34 5.48 1.18 18.34
C PHE B 34 4.40 0.33 19.01
N LYS B 35 3.70 0.94 19.97
CA LYS B 35 2.73 0.28 20.86
C LYS B 35 1.54 1.22 20.99
N ILE B 36 0.34 0.70 20.83
CA ILE B 36 -0.95 1.44 20.88
C ILE B 36 -1.77 0.83 22.03
N ARG B 37 -2.24 1.67 22.94
CA ARG B 37 -3.06 1.24 24.09
C ARG B 37 -4.31 2.14 24.17
N ASP B 38 -5.43 1.56 24.59
CA ASP B 38 -6.66 2.27 25.04
C ASP B 38 -6.32 2.95 26.35
N LEU B 39 -6.39 4.28 26.40
CA LEU B 39 -5.91 5.09 27.55
C LEU B 39 -6.86 4.98 28.74
N GLU B 40 -8.12 4.66 28.53
CA GLU B 40 -9.10 4.66 29.65
C GLU B 40 -9.05 3.30 30.37
N THR B 41 -8.51 2.25 29.75
CA THR B 41 -8.35 0.89 30.36
C THR B 41 -6.87 0.59 30.61
N GLY B 42 -5.99 0.87 29.66
CA GLY B 42 -4.55 0.57 29.73
C GLY B 42 -4.23 -0.65 28.88
N THR B 43 -5.28 -1.27 28.35
CA THR B 43 -5.23 -2.41 27.41
C THR B 43 -4.40 -2.06 26.16
N VAL B 44 -3.38 -2.87 25.89
CA VAL B 44 -2.53 -2.77 24.68
C VAL B 44 -3.29 -3.42 23.52
N LEU B 45 -3.43 -2.69 22.41
CA LEU B 45 -4.14 -3.13 21.19
C LEU B 45 -3.13 -3.87 20.32
N PHE B 46 -1.90 -3.35 20.25
CA PHE B 46 -0.76 -4.07 19.63
C PHE B 46 0.55 -3.35 19.93
N GLU B 47 1.62 -4.07 19.60
CA GLU B 47 3.03 -3.68 19.75
C GLU B 47 3.75 -4.26 18.54
N ILE B 48 4.58 -3.47 17.89
CA ILE B 48 5.55 -3.96 16.87
C ILE B 48 6.94 -3.46 17.30
N ALA B 49 7.98 -4.23 17.04
CA ALA B 49 9.39 -3.92 17.39
C ALA B 49 10.27 -4.37 16.23
N LYS B 50 11.20 -3.53 15.80
CA LYS B 50 12.11 -3.85 14.67
C LYS B 50 12.89 -5.11 15.03
N PRO B 51 12.85 -6.16 14.16
CA PRO B 51 13.56 -7.41 14.45
C PRO B 51 15.07 -7.29 14.20
N GLY B 65 -6.02 -4.60 17.25
CA GLY B 65 -4.57 -4.39 17.40
C GLY B 65 -3.77 -5.38 16.58
N ASP B 66 -3.72 -5.19 15.26
CA ASP B 66 -2.99 -6.11 14.36
C ASP B 66 -2.38 -5.31 13.19
N VAL B 67 -1.05 -5.37 13.04
CA VAL B 67 -0.31 -4.84 11.86
C VAL B 67 -0.09 -6.01 10.88
N ASP B 68 -0.79 -5.92 9.75
CA ASP B 68 -0.81 -6.92 8.65
C ASP B 68 0.47 -6.79 7.81
N ILE B 69 0.76 -5.56 7.37
N ILE B 69 0.82 -5.56 7.42
CA ILE B 69 1.97 -5.18 6.57
CA ILE B 69 1.99 -5.23 6.56
C ILE B 69 2.70 -4.09 7.34
C ILE B 69 2.71 -4.04 7.20
N SER B 70 4.03 -4.13 7.37
CA SER B 70 4.85 -3.01 7.88
C SER B 70 6.12 -2.94 7.04
N ALA B 71 6.25 -1.89 6.24
CA ALA B 71 7.45 -1.59 5.44
C ALA B 71 8.04 -0.27 5.94
N GLY B 72 9.18 0.12 5.37
CA GLY B 72 9.92 1.35 5.67
C GLY B 72 9.02 2.57 5.70
N ARG B 73 8.05 2.66 4.79
CA ARG B 73 7.26 3.90 4.58
C ARG B 73 5.76 3.63 4.44
N PHE B 74 5.32 2.42 4.73
CA PHE B 74 3.91 2.03 4.68
C PHE B 74 3.63 1.02 5.78
N VAL B 75 2.45 1.14 6.37
CA VAL B 75 1.95 0.15 7.34
C VAL B 75 0.43 0.02 7.17
N ARG B 76 -0.08 -1.21 7.22
CA ARG B 76 -1.52 -1.53 7.10
C ARG B 76 -1.98 -2.15 8.41
N TYR B 77 -3.00 -1.56 9.03
CA TYR B 77 -3.51 -1.99 10.35
C TYR B 77 -4.86 -2.71 10.16
N GLN B 78 -5.11 -3.78 10.92
CA GLN B 78 -6.47 -4.37 10.97
C GLN B 78 -6.94 -4.32 12.42
N PHE B 79 -7.93 -3.48 12.68
CA PHE B 79 -8.53 -3.27 14.03
C PHE B 79 -9.93 -3.91 13.97
N THR B 80 -10.54 -4.07 15.15
CA THR B 80 -11.93 -4.56 15.36
C THR B 80 -12.87 -3.36 15.27
N PRO B 81 -14.20 -3.57 15.03
CA PRO B 81 -15.15 -2.47 15.10
C PRO B 81 -15.13 -1.69 16.43
N ALA B 82 -14.86 -2.37 17.55
CA ALA B 82 -14.68 -1.76 18.89
C ALA B 82 -13.67 -0.60 18.85
N PHE B 83 -12.68 -0.65 17.96
CA PHE B 83 -11.61 0.38 17.89
C PHE B 83 -12.22 1.77 17.68
N LEU B 84 -13.20 1.89 16.78
CA LEU B 84 -13.87 3.19 16.43
C LEU B 84 -14.82 3.67 17.54
N ARG B 85 -14.96 2.96 18.66
CA ARG B 85 -15.81 3.42 19.80
C ARG B 85 -14.91 3.94 20.92
N LEU B 86 -13.58 3.93 20.75
CA LEU B 86 -12.64 4.40 21.79
C LEU B 86 -12.63 5.95 21.83
N ARG B 87 -12.18 6.53 22.94
CA ARG B 87 -12.09 8.00 23.11
C ARG B 87 -10.64 8.47 22.97
N THR B 88 -9.72 7.75 23.59
CA THR B 88 -8.31 8.19 23.76
C THR B 88 -7.41 6.97 23.56
N VAL B 89 -6.45 7.09 22.64
CA VAL B 89 -5.44 6.04 22.38
C VAL B 89 -4.08 6.67 22.69
N GLY B 90 -3.22 5.95 23.42
CA GLY B 90 -1.84 6.35 23.69
C GLY B 90 -0.88 5.53 22.85
N ALA B 91 -0.05 6.17 22.03
CA ALA B 91 1.01 5.48 21.27
C ALA B 91 2.34 5.73 21.98
N THR B 92 3.08 4.67 22.30
CA THR B 92 4.46 4.71 22.78
C THR B 92 5.35 4.44 21.58
N VAL B 93 6.18 5.43 21.27
CA VAL B 93 7.07 5.45 20.09
C VAL B 93 8.49 5.33 20.60
N GLU B 94 9.22 4.35 20.10
CA GLU B 94 10.67 4.26 20.38
C GLU B 94 11.37 4.43 19.05
N PHE B 95 12.39 5.28 19.02
CA PHE B 95 13.15 5.59 17.80
C PHE B 95 14.62 5.80 18.16
N THR B 96 15.50 5.53 17.21
CA THR B 96 16.94 5.87 17.34
C THR B 96 17.15 7.12 16.50
N VAL B 97 18.15 7.93 16.87
CA VAL B 97 18.59 9.11 16.10
C VAL B 97 20.09 8.95 15.79
N GLY B 98 20.55 9.55 14.70
CA GLY B 98 21.97 9.63 14.31
C GLY B 98 22.76 10.58 15.21
N ASP B 99 23.81 11.19 14.64
CA ASP B 99 24.86 11.96 15.37
C ASP B 99 24.53 13.46 15.35
N LYS B 100 23.79 13.93 14.37
CA LYS B 100 23.39 15.36 14.24
C LYS B 100 22.36 15.71 15.29
N PRO B 101 22.47 16.88 15.97
CA PRO B 101 21.47 17.28 16.95
C PRO B 101 20.10 17.54 16.27
N VAL B 102 19.04 17.24 17.00
CA VAL B 102 17.65 17.33 16.47
C VAL B 102 16.89 18.41 17.23
N SER B 103 16.43 19.43 16.49
CA SER B 103 15.62 20.59 16.95
C SER B 103 14.14 20.43 16.57
N ASN B 104 13.25 20.41 17.56
CA ASN B 104 11.78 20.48 17.35
C ASN B 104 11.31 19.37 16.42
N PHE B 105 11.66 18.13 16.76
CA PHE B 105 11.19 16.95 15.98
C PHE B 105 9.68 16.85 16.16
N ARG B 106 8.95 16.93 15.04
CA ARG B 106 7.49 17.15 15.06
C ARG B 106 6.84 16.30 13.97
N MET B 107 5.74 15.63 14.29
CA MET B 107 4.93 14.85 13.32
C MET B 107 3.55 15.47 13.19
N ILE B 108 3.17 15.76 11.96
CA ILE B 108 1.79 16.12 11.56
C ILE B 108 1.22 14.89 10.87
N GLU B 109 0.20 14.30 11.49
CA GLU B 109 -0.42 13.06 10.96
C GLU B 109 -1.89 13.34 10.69
N ARG B 110 -2.27 13.18 9.42
CA ARG B 110 -3.62 13.48 8.91
C ARG B 110 -4.28 12.17 8.54
N HIS B 111 -5.43 11.92 9.17
CA HIS B 111 -6.26 10.73 8.95
C HIS B 111 -7.49 11.13 8.13
N TYR B 112 -7.77 10.38 7.06
CA TYR B 112 -8.87 10.68 6.11
C TYR B 112 -9.67 9.40 5.91
N PHE B 113 -10.99 9.53 5.77
CA PHE B 113 -11.84 8.48 5.16
C PHE B 113 -12.16 8.97 3.76
N ARG B 114 -11.66 8.25 2.75
CA ARG B 114 -11.64 8.70 1.34
C ARG B 114 -11.04 10.11 1.37
N GLU B 115 -11.78 11.13 0.97
CA GLU B 115 -11.24 12.50 0.82
C GLU B 115 -11.78 13.39 1.95
N HIS B 116 -12.27 12.78 3.02
CA HIS B 116 -12.78 13.47 4.23
C HIS B 116 -11.72 13.38 5.33
N LEU B 117 -11.24 14.53 5.80
CA LEU B 117 -10.33 14.63 6.97
C LEU B 117 -11.10 14.22 8.22
N LEU B 118 -10.66 13.16 8.88
CA LEU B 118 -11.26 12.70 10.15
C LEU B 118 -10.64 13.54 11.26
N LYS B 119 -9.31 13.60 11.31
CA LYS B 119 -8.65 14.50 12.27
C LYS B 119 -7.18 14.69 11.87
N ASN B 120 -6.67 15.87 12.20
CA ASN B 120 -5.23 16.19 12.14
C ASN B 120 -4.65 16.05 13.54
N PHE B 121 -3.54 15.35 13.66
CA PHE B 121 -2.74 15.29 14.90
C PHE B 121 -1.37 15.92 14.66
N ASP B 122 -0.86 16.59 15.68
CA ASP B 122 0.38 17.38 15.61
C ASP B 122 1.15 17.15 16.89
N PHE B 123 2.19 16.30 16.85
CA PHE B 123 2.92 15.77 18.03
C PHE B 123 4.37 16.23 18.04
N ASP B 124 4.82 16.76 19.17
CA ASP B 124 6.26 16.94 19.50
C ASP B 124 6.79 15.59 19.95
N PHE B 125 8.02 15.24 19.57
CA PHE B 125 8.73 14.05 20.10
C PHE B 125 9.52 14.47 21.35
N GLY B 126 9.71 15.77 21.55
CA GLY B 126 10.47 16.30 22.69
C GLY B 126 11.98 16.19 22.47
N PHE B 127 12.74 16.32 23.55
CA PHE B 127 14.22 16.29 23.53
C PHE B 127 14.70 14.94 22.97
N CYS B 128 15.67 14.98 22.08
CA CYS B 128 16.22 13.77 21.40
C CYS B 128 17.68 13.55 21.80
N ILE B 129 17.96 12.45 22.48
CA ILE B 129 19.34 11.99 22.79
C ILE B 129 19.97 11.49 21.49
N PRO B 130 21.06 12.12 20.97
CA PRO B 130 21.77 11.60 19.80
C PRO B 130 22.41 10.22 19.99
N SER B 131 22.63 9.52 18.88
CA SER B 131 23.21 8.14 18.85
C SER B 131 22.55 7.24 19.89
N SER B 132 21.26 7.41 20.15
CA SER B 132 20.56 6.72 21.26
C SER B 132 19.12 6.39 20.88
N ARG B 133 18.54 5.47 21.63
CA ARG B 133 17.09 5.16 21.69
C ARG B 133 16.38 6.28 22.48
N ASN B 134 15.21 6.68 22.02
CA ASN B 134 14.37 7.75 22.62
C ASN B 134 12.96 7.20 22.65
N THR B 135 12.19 7.48 23.70
CA THR B 135 10.78 7.08 23.70
C THR B 135 9.93 8.23 24.22
N CYS B 136 8.80 8.39 23.57
CA CYS B 136 7.82 9.42 23.93
C CYS B 136 6.45 8.80 23.75
N GLU B 137 5.44 9.53 24.22
N GLU B 137 5.44 9.54 24.20
CA GLU B 137 4.01 9.18 24.10
CA GLU B 137 4.03 9.16 24.08
C GLU B 137 3.34 10.20 23.19
C GLU B 137 3.35 10.20 23.18
N HIS B 138 2.50 9.72 22.27
CA HIS B 138 1.60 10.54 21.42
C HIS B 138 0.18 10.20 21.87
N ILE B 139 -0.60 11.14 22.40
CA ILE B 139 -1.98 10.84 22.86
C ILE B 139 -2.91 11.29 21.75
N TYR B 140 -3.73 10.37 21.25
CA TYR B 140 -4.74 10.63 20.20
C TYR B 140 -6.11 10.69 20.88
N GLU B 141 -6.66 11.89 20.98
CA GLU B 141 -8.09 12.13 21.33
C GLU B 141 -8.88 11.94 20.04
N PHE B 142 -9.72 10.91 19.96
CA PHE B 142 -10.59 10.61 18.79
C PHE B 142 -11.47 11.81 18.46
N PRO B 143 -11.70 12.09 17.16
CA PRO B 143 -12.67 13.11 16.79
C PRO B 143 -14.04 12.51 17.14
N GLN B 144 -15.08 13.33 17.25
CA GLN B 144 -16.50 12.87 17.32
C GLN B 144 -16.89 12.32 15.95
N LEU B 145 -17.09 11.01 15.84
CA LEU B 145 -17.45 10.36 14.56
C LEU B 145 -18.96 10.10 14.60
N SER B 146 -19.66 10.39 13.51
CA SER B 146 -21.09 10.01 13.32
C SER B 146 -21.18 8.50 13.15
N GLU B 147 -22.35 7.95 13.45
CA GLU B 147 -22.64 6.49 13.34
C GLU B 147 -22.52 6.09 11.88
N ASP B 148 -22.87 7.00 10.96
CA ASP B 148 -22.78 6.83 9.49
C ASP B 148 -21.31 6.65 9.06
N VAL B 149 -20.43 7.53 9.55
CA VAL B 149 -18.97 7.47 9.20
C VAL B 149 -18.40 6.17 9.78
N ILE B 150 -18.76 5.81 11.02
CA ILE B 150 -18.24 4.60 11.71
C ILE B 150 -18.63 3.39 10.84
N ARG B 151 -19.88 3.35 10.36
CA ARG B 151 -20.38 2.28 9.46
C ARG B 151 -19.53 2.26 8.17
N LEU B 152 -19.35 3.41 7.53
CA LEU B 152 -18.60 3.51 6.23
C LEU B 152 -17.16 3.04 6.40
N MET B 153 -16.50 3.40 7.51
CA MET B 153 -15.10 2.97 7.80
C MET B 153 -15.05 1.45 8.01
N ILE B 154 -16.04 0.87 8.72
CA ILE B 154 -16.10 -0.60 8.94
C ILE B 154 -16.35 -1.31 7.61
N GLU B 155 -17.28 -0.80 6.79
CA GLU B 155 -17.73 -1.47 5.54
C GLU B 155 -16.75 -1.19 4.40
N ASN B 156 -15.79 -0.27 4.55
CA ASN B 156 -14.89 0.09 3.42
C ASN B 156 -13.44 -0.01 3.89
N PRO B 157 -12.93 -1.26 4.08
CA PRO B 157 -11.57 -1.46 4.55
C PRO B 157 -10.52 -0.79 3.63
N TYR B 158 -9.55 -0.09 4.22
CA TYR B 158 -8.36 0.52 3.56
C TYR B 158 -8.73 1.75 2.76
N GLU B 159 -9.93 2.30 2.93
CA GLU B 159 -10.23 3.65 2.37
C GLU B 159 -10.04 4.69 3.47
N THR B 160 -9.76 4.26 4.69
CA THR B 160 -9.22 5.10 5.79
C THR B 160 -7.68 5.04 5.67
N ARG B 161 -7.02 6.19 5.54
CA ARG B 161 -5.56 6.31 5.24
C ARG B 161 -4.99 7.46 6.08
N SER B 162 -3.70 7.40 6.39
CA SER B 162 -3.03 8.55 7.05
C SER B 162 -1.75 8.88 6.31
N ASP B 163 -1.45 10.17 6.25
CA ASP B 163 -0.11 10.72 5.94
C ASP B 163 0.52 11.11 7.27
N SER B 164 1.78 10.70 7.45
CA SER B 164 2.58 11.12 8.61
C SER B 164 3.73 11.93 8.04
N PHE B 165 3.77 13.22 8.35
CA PHE B 165 4.81 14.16 7.87
C PHE B 165 5.71 14.51 9.03
N TYR B 166 7.01 14.29 8.88
CA TYR B 166 7.97 14.43 9.99
C TYR B 166 8.90 15.60 9.68
N PHE B 167 9.00 16.52 10.64
CA PHE B 167 9.75 17.78 10.51
C PHE B 167 10.81 17.84 11.58
N VAL B 168 11.98 18.31 11.18
CA VAL B 168 13.05 18.73 12.13
C VAL B 168 13.46 20.14 11.70
N ASP B 169 13.55 21.06 12.66
CA ASP B 169 13.92 22.49 12.43
C ASP B 169 13.02 23.02 11.31
N ASN B 170 11.75 22.62 11.31
CA ASN B 170 10.73 23.22 10.42
C ASN B 170 10.86 22.64 8.99
N LYS B 171 11.69 21.63 8.75
CA LYS B 171 11.88 21.03 7.40
C LYS B 171 11.46 19.56 7.37
N LEU B 172 10.80 19.12 6.30
CA LEU B 172 10.29 17.73 6.15
C LEU B 172 11.49 16.80 5.98
N ILE B 173 11.60 15.75 6.79
CA ILE B 173 12.73 14.78 6.72
C ILE B 173 12.21 13.36 6.48
N MET B 174 10.91 13.11 6.68
CA MET B 174 10.33 11.76 6.50
C MET B 174 8.84 11.93 6.22
N HIS B 175 8.28 10.99 5.47
CA HIS B 175 6.82 10.93 5.15
C HIS B 175 6.45 9.45 5.04
N ASN B 176 5.62 8.99 5.98
CA ASN B 176 5.15 7.59 6.09
C ASN B 176 3.66 7.59 5.77
N LYS B 177 3.19 6.52 5.14
CA LYS B 177 1.74 6.33 4.86
C LYS B 177 1.20 5.13 5.63
N ALA B 178 -0.11 5.11 5.88
CA ALA B 178 -0.80 3.98 6.52
C ALA B 178 -2.22 3.86 5.96
N ASP B 179 -2.75 2.66 5.96
CA ASP B 179 -4.21 2.47 5.75
C ASP B 179 -4.73 1.52 6.83
N TYR B 180 -6.05 1.46 6.96
CA TYR B 180 -6.74 0.89 8.14
C TYR B 180 -8.01 0.17 7.66
N ALA B 181 -8.26 -1.00 8.23
CA ALA B 181 -9.56 -1.71 8.19
C ALA B 181 -10.03 -1.81 9.63
N TYR B 182 -11.36 -1.82 9.87
CA TYR B 182 -11.97 -1.98 11.20
C TYR B 182 -12.99 -3.14 11.18
N ASN B 183 -12.75 -4.14 10.31
CA ASN B 183 -13.63 -5.31 10.12
C ASN B 183 -12.96 -6.57 10.70
N GLY B 184 -12.09 -6.41 11.71
CA GLY B 184 -11.43 -7.54 12.38
C GLY B 184 -12.41 -8.29 13.28
N GLY C 1 -0.76 -7.21 -15.13
CA GLY C 1 -1.68 -7.11 -16.25
C GLY C 1 -2.33 -5.75 -16.35
N CYS C 2 -2.47 -5.04 -15.22
CA CYS C 2 -3.11 -3.72 -15.18
C CYS C 2 -2.22 -2.68 -15.88
N GLY C 3 -0.97 -3.03 -16.23
CA GLY C 3 -0.06 -2.19 -17.01
C GLY C 3 -0.33 -2.21 -18.50
N CYS C 4 -1.27 -3.05 -18.94
CA CYS C 4 -1.70 -3.20 -20.36
C CYS C 4 -2.59 -2.01 -20.72
N SER C 5 -2.31 -1.35 -21.86
CA SER C 5 -3.10 -0.21 -22.39
C SER C 5 -3.85 -0.65 -23.66
N GLY D 1 1.95 6.45 11.18
CA GLY D 1 3.15 6.22 10.43
C GLY D 1 4.31 5.73 11.25
N CYS D 2 4.30 5.91 12.59
CA CYS D 2 5.42 5.41 13.43
C CYS D 2 5.39 3.88 13.53
N GLY D 3 4.37 3.21 13.00
CA GLY D 3 4.33 1.73 12.94
C GLY D 3 5.11 1.14 11.76
N CYS D 4 5.64 1.97 10.86
CA CYS D 4 6.47 1.61 9.70
C CYS D 4 7.83 1.12 10.20
N SER D 5 8.28 -0.04 9.76
CA SER D 5 9.54 -0.65 10.23
C SER D 5 10.41 -0.96 9.02
N SER D 6 11.59 -0.38 9.00
CA SER D 6 12.58 -0.50 7.90
C SER D 6 13.29 -1.85 7.99
N HIS D 7 13.65 -2.43 6.84
CA HIS D 7 14.45 -3.69 6.73
C HIS D 7 15.76 -3.33 6.03
C1 EDO E . 7.76 -0.10 14.35
O1 EDO E . 8.02 1.24 14.67
C2 EDO E . 8.85 -1.02 14.76
O2 EDO E . 10.00 -0.80 13.99
C1 EDO F . 14.94 19.27 28.59
O1 EDO F . 15.83 19.94 29.45
C2 EDO F . 15.15 19.55 27.14
O2 EDO F . 16.31 20.33 26.87
C1 EDO G . -0.30 15.27 -4.43
O1 EDO G . -1.62 15.06 -4.04
C2 EDO G . 0.55 14.15 -3.99
O2 EDO G . 1.92 14.16 -4.30
CA CA H . 7.58 21.92 19.57
C1 MYR I . 0.28 -6.47 -15.03
O1 MYR I . 0.71 -5.51 -15.67
C2 MYR I . 1.13 -6.98 -13.90
C3 MYR I . 1.71 -5.97 -13.06
C4 MYR I . 2.74 -6.55 -12.15
C5 MYR I . 2.88 -5.79 -10.88
C6 MYR I . 4.29 -5.63 -10.46
C7 MYR I . 4.88 -6.90 -10.02
C8 MYR I . 4.24 -7.46 -8.82
C9 MYR I . 5.17 -8.25 -7.98
C10 MYR I . 4.76 -9.68 -7.80
C11 MYR I . 5.88 -10.61 -7.45
C12 MYR I . 5.95 -11.84 -8.28
C13 MYR I . 7.17 -12.71 -7.99
C14 MYR I . 8.51 -12.04 -8.10
C1 MYR J . 1.46 5.35 11.63
O1 MYR J . 1.73 4.17 11.86
C2 MYR J . 0.07 5.79 12.03
C3 MYR J . -0.03 5.71 13.45
C4 MYR J . -1.00 4.69 13.85
C5 MYR J . -2.16 5.30 14.46
C6 MYR J . -2.69 4.51 15.56
C7 MYR J . -4.11 4.78 15.79
C8 MYR J . -4.46 6.24 15.85
C9 MYR J . -5.86 6.47 16.34
C10 MYR J . -6.49 7.77 15.88
C11 MYR J . -7.54 7.63 14.83
C12 MYR J . -8.39 8.85 14.65
C13 MYR J . -9.40 8.76 13.52
C14 MYR J . -10.44 7.67 13.73
#